data_5EC6
#
_entry.id   5EC6
#
_cell.length_a   102.470
_cell.length_b   102.470
_cell.length_c   77.210
_cell.angle_alpha   90.000
_cell.angle_beta   90.000
_cell.angle_gamma   90.000
#
_symmetry.space_group_name_H-M   'P 43 21 2'
#
loop_
_entity.id
_entity.type
_entity.pdbx_description
1 polymer HpuA
2 non-polymer GLYCEROL
3 water water
#
_entity_poly.entity_id   1
_entity_poly.type   'polypeptide(L)'
_entity_poly.pdbx_seq_one_letter_code
;GPGGTAINEPLTAAPIPVLRAVDTTSPNIVADTSTDREQRTFATQGGSVKPFTITKPSPYIPGLMLTNQEILYQAPDGKY
YDFGTYNTLIMPSSSTSARVLPNSHPMQPLDSGGKMIACCTNQTSTGMNALRLKSMQFGAWMSPSKTVSLFAGGTPAPTD
TLQGVDTAGRPTGKATYEVIGLRVKNDRAVTSSYETRYSPYNTGQVVTGSFLTVNFNTGKLGGTIVGNSEFGDSIEMRDV
NVNGNQFSGTASSGGHTGQVSGGLFAKEERFYSGTLEHPSGGEIGGTVNFGSNSPLNASFGGTRREYNAADTSTDTSHLV
SP(END)
;
_entity_poly.pdbx_strand_id   A
#
# COMPACT_ATOMS: atom_id res chain seq x y z
N PRO A 15 -13.63 14.93 19.11
CA PRO A 15 -13.12 13.58 19.40
C PRO A 15 -13.34 12.63 18.24
N ILE A 16 -12.42 11.71 18.03
CA ILE A 16 -12.57 10.78 16.90
C ILE A 16 -13.65 9.78 17.26
N PRO A 17 -14.62 9.56 16.37
CA PRO A 17 -15.67 8.60 16.67
C PRO A 17 -15.21 7.15 16.65
N VAL A 18 -15.95 6.29 17.33
CA VAL A 18 -15.63 4.89 17.43
C VAL A 18 -16.17 4.25 16.16
N LEU A 19 -15.34 3.44 15.48
CA LEU A 19 -15.79 2.83 14.26
C LEU A 19 -16.47 1.47 14.53
N ARG A 20 -17.71 1.34 14.08
CA ARG A 20 -18.41 0.09 14.19
C ARG A 20 -18.18 -0.85 13.01
N ALA A 21 -18.11 -2.13 13.33
CA ALA A 21 -17.93 -3.16 12.32
C ALA A 21 -19.08 -3.21 11.35
N VAL A 22 -18.76 -3.58 10.11
CA VAL A 22 -19.80 -3.81 9.10
C VAL A 22 -20.43 -5.18 9.26
N ASP A 23 -21.77 -5.26 9.31
CA ASP A 23 -22.38 -6.57 9.44
C ASP A 23 -22.59 -7.17 8.08
N THR A 24 -21.61 -7.95 7.65
CA THR A 24 -21.64 -8.56 6.34
C THR A 24 -22.71 -9.66 6.21
N THR A 25 -23.34 -10.08 7.31
CA THR A 25 -24.43 -11.08 7.17
C THR A 25 -25.71 -10.49 6.57
N SER A 26 -25.77 -9.15 6.46
CA SER A 26 -26.90 -8.49 5.78
C SER A 26 -27.02 -9.00 4.37
N PRO A 27 -28.25 -9.28 3.90
CA PRO A 27 -28.44 -9.65 2.51
C PRO A 27 -28.04 -8.55 1.52
N ASN A 28 -27.85 -7.33 2.02
CA ASN A 28 -27.43 -6.23 1.18
C ASN A 28 -25.92 -6.16 1.01
N ILE A 29 -25.18 -7.00 1.73
CA ILE A 29 -23.72 -7.00 1.65
C ILE A 29 -23.32 -8.41 1.26
N VAL A 30 -22.83 -8.58 0.04
CA VAL A 30 -22.58 -9.88 -0.55
C VAL A 30 -21.11 -10.03 -0.98
N ALA A 31 -20.48 -11.10 -0.50
CA ALA A 31 -19.09 -11.32 -0.83
C ALA A 31 -18.96 -11.56 -2.31
N ASP A 32 -17.94 -10.94 -2.90
CA ASP A 32 -17.71 -11.01 -4.33
C ASP A 32 -16.68 -12.11 -4.60
N THR A 33 -17.11 -13.17 -5.26
CA THR A 33 -16.23 -14.32 -5.53
C THR A 33 -15.67 -14.32 -6.96
N SER A 34 -15.92 -13.28 -7.72
CA SER A 34 -15.47 -13.21 -9.10
C SER A 34 -13.92 -13.17 -9.17
N THR A 35 -13.37 -13.80 -10.22
CA THR A 35 -11.91 -13.85 -10.37
C THR A 35 -11.35 -12.44 -10.57
N ASP A 36 -12.12 -11.61 -11.26
CA ASP A 36 -11.73 -10.26 -11.57
C ASP A 36 -11.45 -9.41 -10.31
N ARG A 37 -12.08 -9.75 -9.19
CA ARG A 37 -12.00 -8.90 -8.00
C ARG A 37 -11.15 -9.53 -6.91
N GLU A 38 -10.51 -10.68 -7.19
CA GLU A 38 -9.69 -11.35 -6.19
C GLU A 38 -8.57 -10.45 -5.67
N GLN A 39 -8.42 -10.45 -4.36
CA GLN A 39 -7.44 -9.57 -3.70
C GLN A 39 -6.34 -10.48 -3.12
N ARG A 40 -5.19 -9.86 -2.85
CA ARG A 40 -4.10 -10.52 -2.12
C ARG A 40 -3.65 -9.57 -1.01
N THR A 41 -3.40 -10.10 0.19
CA THR A 41 -2.88 -9.31 1.30
C THR A 41 -1.60 -9.89 1.90
N PHE A 42 -0.64 -9.00 2.15
CA PHE A 42 0.47 -9.30 3.04
C PHE A 42 0.19 -8.71 4.39
N ALA A 43 0.16 -9.55 5.42
CA ALA A 43 -0.11 -9.08 6.77
C ALA A 43 0.85 -9.72 7.78
N THR A 44 1.22 -8.95 8.79
CA THR A 44 2.20 -9.47 9.78
C THR A 44 1.55 -10.47 10.72
N GLN A 45 0.28 -10.26 11.09
CA GLN A 45 -0.39 -11.19 12.01
C GLN A 45 -1.89 -11.23 11.74
N GLY A 46 -2.21 -11.57 10.50
CA GLY A 46 -3.60 -11.83 10.12
C GLY A 46 -4.27 -10.61 9.57
N GLY A 47 -5.48 -10.83 9.07
CA GLY A 47 -6.28 -9.71 8.49
C GLY A 47 -6.09 -9.70 6.99
N SER A 48 -7.12 -9.26 6.27
CA SER A 48 -7.02 -9.18 4.82
C SER A 48 -8.07 -8.23 4.24
N VAL A 49 -7.83 -7.76 3.03
CA VAL A 49 -8.83 -6.95 2.28
C VAL A 49 -9.68 -7.89 1.43
N LYS A 50 -11.02 -7.66 1.43
CA LYS A 50 -11.92 -8.58 0.82
C LYS A 50 -12.98 -7.78 0.02
N PRO A 51 -13.32 -8.26 -1.17
CA PRO A 51 -14.29 -7.52 -2.05
C PRO A 51 -15.74 -7.91 -1.76
N PHE A 52 -16.63 -6.93 -1.88
CA PHE A 52 -18.06 -7.11 -1.64
C PHE A 52 -18.86 -6.32 -2.68
N THR A 53 -20.09 -6.75 -2.87
CA THR A 53 -21.09 -5.95 -3.59
C THR A 53 -22.11 -5.51 -2.57
N ILE A 54 -22.27 -4.19 -2.44
CA ILE A 54 -23.00 -3.61 -1.36
C ILE A 54 -24.15 -2.75 -1.92
N THR A 55 -25.34 -3.03 -1.41
CA THR A 55 -26.56 -2.29 -1.81
C THR A 55 -27.01 -1.44 -0.65
N LYS A 56 -27.29 -0.15 -0.96
CA LYS A 56 -27.65 0.83 0.05
C LYS A 56 -28.80 1.68 -0.49
N PRO A 57 -29.66 2.19 0.39
CA PRO A 57 -30.74 3.06 -0.12
C PRO A 57 -30.19 4.40 -0.58
N SER A 58 -30.78 4.97 -1.65
CA SER A 58 -30.41 6.27 -2.09
C SER A 58 -30.75 7.31 -0.98
N PRO A 59 -29.88 8.29 -0.71
CA PRO A 59 -30.24 9.42 0.15
C PRO A 59 -31.22 10.37 -0.45
N TYR A 60 -31.43 10.28 -1.78
CA TYR A 60 -32.09 11.34 -2.56
C TYR A 60 -33.35 10.95 -3.26
N ILE A 61 -33.47 9.69 -3.68
CA ILE A 61 -34.59 9.22 -4.51
C ILE A 61 -35.34 8.13 -3.75
N PRO A 62 -36.63 8.32 -3.45
CA PRO A 62 -37.36 7.33 -2.70
C PRO A 62 -37.35 5.96 -3.36
N GLY A 63 -37.15 4.94 -2.54
CA GLY A 63 -37.24 3.58 -3.01
C GLY A 63 -36.05 3.07 -3.83
N LEU A 64 -35.13 3.95 -4.20
CA LEU A 64 -34.06 3.58 -5.12
C LEU A 64 -32.94 2.95 -4.29
N MET A 65 -32.53 1.78 -4.75
CA MET A 65 -31.38 1.06 -4.15
C MET A 65 -30.16 1.20 -5.07
N LEU A 66 -29.04 1.56 -4.46
CA LEU A 66 -27.79 1.79 -5.15
C LEU A 66 -26.82 0.62 -4.83
N THR A 67 -26.31 -0.01 -5.85
CA THR A 67 -25.42 -1.15 -5.70
C THR A 67 -24.03 -0.78 -6.22
N ASN A 68 -22.99 -1.04 -5.42
CA ASN A 68 -21.63 -0.71 -5.83
C ASN A 68 -20.69 -1.78 -5.28
N GLN A 69 -19.57 -1.94 -5.97
CA GLN A 69 -18.42 -2.75 -5.49
C GLN A 69 -17.65 -1.99 -4.45
N GLU A 70 -17.27 -2.69 -3.35
CA GLU A 70 -16.51 -2.08 -2.30
C GLU A 70 -15.44 -3.09 -1.85
N ILE A 71 -14.43 -2.58 -1.17
CA ILE A 71 -13.48 -3.41 -0.42
C ILE A 71 -13.60 -3.08 1.04
N LEU A 72 -13.73 -4.12 1.88
CA LEU A 72 -13.71 -4.00 3.32
C LEU A 72 -12.43 -4.64 3.85
N TYR A 73 -11.97 -4.16 5.00
CA TYR A 73 -10.85 -4.73 5.72
C TYR A 73 -11.42 -5.72 6.72
N GLN A 74 -11.03 -6.99 6.63
CA GLN A 74 -11.35 -7.98 7.69
C GLN A 74 -10.16 -8.08 8.68
N ALA A 75 -10.42 -7.72 9.92
CA ALA A 75 -9.38 -7.72 10.94
C ALA A 75 -9.08 -9.16 11.34
N PRO A 76 -7.95 -9.36 12.05
CA PRO A 76 -7.60 -10.70 12.56
C PRO A 76 -8.65 -11.34 13.46
N ASP A 77 -9.50 -10.54 14.07
CA ASP A 77 -10.61 -11.06 14.90
C ASP A 77 -11.84 -11.42 14.11
N GLY A 78 -11.80 -11.25 12.79
CA GLY A 78 -12.91 -11.65 11.94
C GLY A 78 -13.89 -10.50 11.64
N LYS A 79 -13.75 -9.36 12.31
CA LYS A 79 -14.70 -8.23 12.14
C LYS A 79 -14.28 -7.47 10.87
N TYR A 80 -15.25 -6.95 10.15
CA TYR A 80 -15.03 -6.16 8.94
C TYR A 80 -15.22 -4.67 9.16
N TYR A 81 -14.35 -3.88 8.54
CA TYR A 81 -14.35 -2.42 8.67
C TYR A 81 -14.24 -1.72 7.34
N ASP A 82 -14.95 -0.60 7.19
CA ASP A 82 -14.85 0.29 6.02
CA ASP A 82 -14.75 0.14 5.96
C ASP A 82 -13.58 1.09 6.06
N PHE A 83 -13.10 1.50 4.88
CA PHE A 83 -12.15 2.57 4.77
C PHE A 83 -12.94 3.87 4.69
N GLY A 84 -12.77 4.74 5.66
CA GLY A 84 -13.55 5.98 5.63
C GLY A 84 -12.76 7.18 6.02
N THR A 85 -13.47 8.17 6.55
CA THR A 85 -12.86 9.48 6.72
C THR A 85 -11.98 9.59 7.95
N TYR A 86 -12.22 8.79 8.99
CA TYR A 86 -11.48 8.93 10.25
C TYR A 86 -10.38 7.89 10.53
N ASN A 87 -10.31 6.83 9.71
CA ASN A 87 -9.26 5.82 9.89
C ASN A 87 -8.17 5.93 8.82
N THR A 88 -7.79 7.16 8.51
CA THR A 88 -6.71 7.43 7.56
C THR A 88 -5.67 8.34 8.13
N LEU A 89 -4.54 8.42 7.44
CA LEU A 89 -3.48 9.33 7.78
C LEU A 89 -4.00 10.77 7.71
N ILE A 90 -3.42 11.62 8.52
CA ILE A 90 -3.56 13.06 8.36
C ILE A 90 -3.05 13.50 6.99
N MET A 91 -3.89 14.25 6.29
CA MET A 91 -3.48 14.89 5.02
C MET A 91 -2.46 16.02 5.23
N PRO A 92 -1.49 16.19 4.32
CA PRO A 92 -0.67 17.40 4.42
C PRO A 92 -1.50 18.67 4.24
N SER A 93 -1.09 19.76 4.86
CA SER A 93 -1.62 21.10 4.57
C SER A 93 -1.56 21.45 3.08
N SER A 94 -2.63 22.10 2.60
CA SER A 94 -2.73 22.66 1.25
C SER A 94 -2.41 24.17 1.13
N SER A 95 -1.79 24.77 2.15
CA SER A 95 -1.82 26.22 2.28
C SER A 95 -0.68 26.90 1.50
N THR A 96 0.47 26.23 1.37
CA THR A 96 1.55 26.67 0.46
C THR A 96 1.66 25.72 -0.75
N SER A 97 2.72 25.86 -1.54
CA SER A 97 3.07 24.80 -2.51
C SER A 97 3.62 23.55 -1.78
N ALA A 98 4.34 23.77 -0.68
CA ALA A 98 4.94 22.69 0.11
C ALA A 98 3.88 21.66 0.55
N ARG A 99 4.24 20.38 0.50
CA ARG A 99 3.37 19.34 1.05
C ARG A 99 4.21 18.46 1.97
N VAL A 100 3.89 18.46 3.25
CA VAL A 100 4.63 17.65 4.19
C VAL A 100 3.64 16.66 4.81
N LEU A 101 3.99 15.37 4.76
CA LEU A 101 3.23 14.37 5.49
C LEU A 101 3.64 14.39 6.94
N PRO A 102 2.67 14.56 7.86
CA PRO A 102 3.06 14.48 9.28
C PRO A 102 3.62 13.08 9.60
N ASN A 103 4.54 12.97 10.52
CA ASN A 103 5.16 11.68 10.82
C ASN A 103 4.45 10.84 11.86
N SER A 104 3.40 11.38 12.49
CA SER A 104 2.62 10.68 13.52
C SER A 104 1.16 10.99 13.30
N HIS A 105 0.30 10.00 13.51
CA HIS A 105 -1.12 10.06 13.21
C HIS A 105 -1.92 9.28 14.24
N PRO A 106 -3.06 9.81 14.67
CA PRO A 106 -3.92 9.03 15.54
C PRO A 106 -4.62 7.88 14.77
N MET A 107 -4.79 6.73 15.40
CA MET A 107 -5.56 5.63 14.83
C MET A 107 -7.00 5.73 15.31
N GLN A 108 -7.92 5.29 14.50
CA GLN A 108 -9.33 5.36 14.90
C GLN A 108 -9.67 4.25 15.84
N PRO A 109 -10.30 4.59 17.01
CA PRO A 109 -10.78 3.49 17.84
C PRO A 109 -11.92 2.70 17.26
N LEU A 110 -11.97 1.41 17.57
CA LEU A 110 -12.95 0.48 17.03
C LEU A 110 -13.92 -0.01 18.12
N ASP A 111 -15.08 -0.45 17.67
CA ASP A 111 -16.06 -1.10 18.57
C ASP A 111 -15.47 -2.17 19.51
N SER A 112 -14.51 -2.95 19.03
CA SER A 112 -13.82 -4.04 19.77
C SER A 112 -12.82 -3.58 20.84
N GLY A 113 -12.47 -2.30 20.81
CA GLY A 113 -11.39 -1.73 21.58
C GLY A 113 -10.05 -1.75 20.89
N GLY A 114 -10.04 -2.30 19.67
CA GLY A 114 -8.87 -2.17 18.84
C GLY A 114 -8.79 -0.80 18.21
N LYS A 115 -7.83 -0.63 17.30
CA LYS A 115 -7.71 0.61 16.54
C LYS A 115 -7.34 0.25 15.09
N MET A 116 -7.59 1.20 14.20
CA MET A 116 -7.27 1.00 12.76
C MET A 116 -6.78 2.25 12.11
N ILE A 117 -5.85 2.08 11.16
CA ILE A 117 -5.53 3.17 10.25
C ILE A 117 -5.16 2.59 8.87
N ALA A 118 -5.41 3.39 7.84
CA ALA A 118 -5.07 3.06 6.46
C ALA A 118 -4.61 4.32 5.73
N CYS A 119 -4.03 4.16 4.55
CA CYS A 119 -3.56 5.34 3.78
C CYS A 119 -4.69 6.37 3.50
N CYS A 120 -4.35 7.66 3.57
CA CYS A 120 -5.27 8.69 3.08
C CYS A 120 -5.20 8.79 1.57
N THR A 121 -5.98 7.97 0.88
CA THR A 121 -5.83 7.89 -0.54
C THR A 121 -6.65 9.00 -1.21
N ASN A 122 -7.68 9.54 -0.53
CA ASN A 122 -8.87 10.04 -1.23
C ASN A 122 -8.89 11.50 -1.60
N GLN A 123 -7.87 12.26 -1.25
CA GLN A 123 -8.04 13.69 -1.34
C GLN A 123 -7.14 14.36 -2.36
N THR A 124 -7.74 15.31 -3.07
CA THR A 124 -7.14 15.96 -4.22
C THR A 124 -6.31 17.14 -3.75
N SER A 125 -5.42 17.60 -4.63
CA SER A 125 -4.41 18.63 -4.33
C SER A 125 -3.67 18.45 -2.99
N THR A 126 -3.58 17.22 -2.49
CA THR A 126 -2.48 16.85 -1.59
C THR A 126 -1.17 16.80 -2.37
N GLY A 127 -1.25 16.68 -3.71
CA GLY A 127 -0.17 16.12 -4.50
C GLY A 127 0.26 14.78 -3.90
N MET A 128 1.56 14.62 -3.72
CA MET A 128 2.10 13.52 -2.93
C MET A 128 1.67 12.20 -3.52
N ASN A 129 2.43 11.84 -4.51
CA ASN A 129 2.07 10.81 -5.39
C ASN A 129 2.05 9.44 -4.72
N ALA A 130 2.83 9.19 -3.66
CA ALA A 130 2.83 7.84 -3.02
C ALA A 130 1.47 7.47 -2.46
N LEU A 131 0.68 8.49 -2.11
CA LEU A 131 -0.57 8.29 -1.40
C LEU A 131 -1.72 8.01 -2.34
N ARG A 132 -1.53 8.29 -3.62
CA ARG A 132 -2.59 8.24 -4.60
C ARG A 132 -2.81 6.82 -5.10
N LEU A 133 -3.05 5.92 -4.19
CA LEU A 133 -3.17 4.52 -4.55
C LEU A 133 -4.56 4.36 -5.06
N LYS A 134 -4.74 3.57 -6.13
CA LYS A 134 -6.07 3.24 -6.70
C LYS A 134 -6.39 1.77 -6.69
N SER A 135 -5.39 0.91 -6.50
CA SER A 135 -5.59 -0.53 -6.58
C SER A 135 -5.11 -1.33 -5.34
N MET A 136 -4.84 -0.62 -4.27
CA MET A 136 -4.35 -1.25 -3.03
C MET A 136 -4.62 -0.32 -1.88
N GLN A 137 -4.44 -0.85 -0.66
CA GLN A 137 -4.41 -0.10 0.57
C GLN A 137 -3.33 -0.69 1.44
N PHE A 138 -2.83 0.12 2.37
CA PHE A 138 -1.96 -0.40 3.42
C PHE A 138 -2.26 0.32 4.71
N GLY A 139 -1.90 -0.32 5.82
CA GLY A 139 -2.26 0.19 7.11
C GLY A 139 -1.95 -0.78 8.19
N ALA A 140 -2.68 -0.63 9.31
CA ALA A 140 -2.46 -1.48 10.50
C ALA A 140 -3.74 -1.56 11.28
N TRP A 141 -3.91 -2.72 11.92
CA TRP A 141 -4.93 -2.92 12.92
C TRP A 141 -4.24 -3.24 14.25
N MET A 142 -4.78 -2.67 15.31
CA MET A 142 -4.29 -2.97 16.67
C MET A 142 -5.40 -3.66 17.45
N SER A 143 -5.08 -4.75 18.14
CA SER A 143 -6.07 -5.44 18.99
C SER A 143 -6.32 -4.66 20.30
N PRO A 144 -7.45 -4.97 20.96
CA PRO A 144 -7.62 -4.46 22.32
C PRO A 144 -6.47 -4.84 23.25
N SER A 145 -5.81 -5.95 22.98
CA SER A 145 -4.58 -6.29 23.72
C SER A 145 -3.28 -5.59 23.31
N LYS A 146 -3.36 -4.70 22.32
CA LYS A 146 -2.27 -3.87 21.84
C LYS A 146 -1.25 -4.59 21.01
N THR A 147 -1.55 -5.79 20.57
CA THR A 147 -0.76 -6.40 19.50
C THR A 147 -1.26 -5.86 18.16
N VAL A 148 -0.39 -5.87 17.15
CA VAL A 148 -0.64 -5.14 15.89
C VAL A 148 -0.45 -6.10 14.73
N SER A 149 -1.32 -5.98 13.71
CA SER A 149 -1.09 -6.61 12.40
C SER A 149 -1.06 -5.54 11.33
N LEU A 150 0.13 -5.34 10.76
CA LEU A 150 0.30 -4.37 9.67
C LEU A 150 0.04 -5.09 8.37
N PHE A 151 -0.59 -4.39 7.39
CA PHE A 151 -0.98 -5.03 6.15
C PHE A 151 -0.76 -4.12 4.95
N ALA A 152 -0.63 -4.78 3.81
CA ALA A 152 -0.69 -4.14 2.49
C ALA A 152 -1.41 -5.14 1.59
N GLY A 153 -2.51 -4.71 0.98
CA GLY A 153 -3.25 -5.63 0.14
C GLY A 153 -4.01 -4.94 -0.98
N GLY A 154 -4.39 -5.69 -1.98
CA GLY A 154 -4.98 -5.09 -3.20
C GLY A 154 -5.10 -6.05 -4.33
N THR A 155 -5.37 -5.47 -5.49
CA THR A 155 -5.50 -6.22 -6.73
C THR A 155 -4.10 -6.53 -7.29
N PRO A 156 -3.74 -7.78 -7.30
CA PRO A 156 -2.39 -8.10 -7.76
C PRO A 156 -2.19 -7.76 -9.23
N ALA A 157 -0.97 -7.38 -9.55
CA ALA A 157 -0.60 -7.11 -10.94
C ALA A 157 -0.56 -8.38 -11.78
N PRO A 158 -1.39 -8.49 -12.84
CA PRO A 158 -1.32 -9.73 -13.58
C PRO A 158 0.07 -9.96 -14.21
N THR A 159 0.61 -11.16 -14.09
CA THR A 159 1.96 -11.42 -14.60
C THR A 159 2.03 -11.31 -16.11
N ASP A 160 0.90 -11.56 -16.80
CA ASP A 160 0.93 -11.46 -18.26
C ASP A 160 0.98 -10.06 -18.87
N THR A 161 0.85 -9.01 -18.03
CA THR A 161 0.99 -7.70 -18.49
C THR A 161 2.00 -6.88 -17.69
N LEU A 162 2.90 -7.57 -17.03
CA LEU A 162 4.08 -6.89 -16.39
C LEU A 162 4.95 -6.24 -17.46
N GLN A 163 5.71 -5.24 -17.07
CA GLN A 163 6.50 -4.50 -18.04
C GLN A 163 7.42 -5.39 -18.86
N GLY A 164 7.43 -5.13 -20.17
CA GLY A 164 8.33 -5.88 -21.08
C GLY A 164 7.68 -7.14 -21.65
N VAL A 165 6.59 -7.63 -21.05
CA VAL A 165 6.04 -8.92 -21.50
C VAL A 165 5.52 -8.74 -22.94
N ASP A 166 4.95 -7.58 -23.24
CA ASP A 166 4.48 -7.36 -24.61
C ASP A 166 5.52 -7.27 -25.70
N THR A 167 6.78 -6.97 -25.35
CA THR A 167 7.92 -6.87 -26.29
C THR A 167 8.93 -8.00 -26.19
N ALA A 168 8.89 -8.80 -25.12
CA ALA A 168 9.86 -9.92 -24.93
C ALA A 168 9.27 -11.24 -24.45
N GLY A 169 8.02 -11.26 -23.98
CA GLY A 169 7.41 -12.46 -23.47
C GLY A 169 7.67 -12.75 -22.01
N ARG A 170 8.46 -11.88 -21.40
CA ARG A 170 8.76 -11.96 -19.97
C ARG A 170 8.98 -10.54 -19.49
N PRO A 171 8.99 -10.36 -18.14
CA PRO A 171 9.26 -9.01 -17.65
C PRO A 171 10.70 -8.61 -17.89
N THR A 172 10.87 -7.36 -18.25
CA THR A 172 12.21 -6.77 -18.52
C THR A 172 12.33 -5.34 -17.99
N GLY A 173 13.55 -4.88 -17.82
CA GLY A 173 13.80 -3.49 -17.51
C GLY A 173 13.68 -3.18 -16.02
N LYS A 174 13.38 -1.94 -15.74
CA LYS A 174 13.41 -1.44 -14.37
CA LYS A 174 13.45 -1.39 -14.39
C LYS A 174 12.19 -0.54 -14.13
N ALA A 175 11.79 -0.46 -12.87
CA ALA A 175 10.76 0.51 -12.45
C ALA A 175 11.08 1.01 -11.05
N THR A 176 10.78 2.28 -10.84
CA THR A 176 10.99 2.95 -9.56
C THR A 176 9.67 3.42 -9.00
N TYR A 177 9.50 3.16 -7.70
CA TYR A 177 8.27 3.41 -6.96
C TYR A 177 8.56 4.42 -5.83
N GLU A 178 7.57 5.25 -5.58
CA GLU A 178 7.62 6.29 -4.55
C GLU A 178 6.68 5.77 -3.48
N VAL A 179 7.19 5.53 -2.28
CA VAL A 179 6.46 4.73 -1.28
C VAL A 179 6.42 5.44 0.09
N ILE A 180 5.53 4.95 0.90
CA ILE A 180 5.47 5.34 2.32
CA ILE A 180 5.42 5.36 2.32
C ILE A 180 5.46 4.08 3.17
N GLY A 181 6.25 4.12 4.25
CA GLY A 181 6.26 3.10 5.28
C GLY A 181 5.50 3.52 6.51
N LEU A 182 4.90 2.53 7.14
CA LEU A 182 4.04 2.73 8.32
C LEU A 182 4.45 1.74 9.40
N ARG A 183 4.63 2.27 10.62
CA ARG A 183 4.78 1.45 11.80
C ARG A 183 3.72 1.94 12.85
N VAL A 184 3.57 1.16 13.92
CA VAL A 184 2.75 1.59 15.07
C VAL A 184 3.68 1.70 16.28
N LYS A 185 3.72 2.90 16.85
CA LYS A 185 4.49 3.13 18.07
C LYS A 185 3.58 3.78 19.09
N ASN A 186 3.43 3.17 20.26
CA ASN A 186 2.70 3.85 21.34
C ASN A 186 1.38 4.40 20.93
N ASP A 187 0.51 3.51 20.48
CA ASP A 187 -0.86 3.85 20.12
C ASP A 187 -1.04 4.78 18.89
N ARG A 188 0.07 5.19 18.27
CA ARG A 188 -0.01 6.04 17.09
C ARG A 188 0.60 5.35 15.90
N ALA A 189 0.08 5.70 14.77
CA ALA A 189 0.71 5.39 13.51
C ALA A 189 1.84 6.37 13.21
N VAL A 190 2.98 5.84 12.77
CA VAL A 190 4.11 6.67 12.45
C VAL A 190 4.55 6.34 11.02
N THR A 191 4.92 7.36 10.30
CA THR A 191 5.19 7.26 8.87
C THR A 191 6.57 7.75 8.49
N SER A 192 7.09 7.18 7.40
CA SER A 192 8.37 7.57 6.85
C SER A 192 8.34 9.00 6.29
N SER A 193 9.52 9.62 6.24
CA SER A 193 9.59 11.06 5.89
C SER A 193 9.16 11.32 4.50
N TYR A 194 8.33 12.33 4.32
CA TYR A 194 7.83 12.63 2.99
C TYR A 194 7.49 14.09 2.93
N GLU A 195 8.17 14.79 2.01
CA GLU A 195 7.90 16.22 1.75
C GLU A 195 8.10 16.45 0.29
N THR A 196 7.12 17.04 -0.36
CA THR A 196 7.27 17.38 -1.78
C THR A 196 7.09 18.88 -1.93
N ARG A 197 7.34 19.38 -3.13
CA ARG A 197 7.03 20.79 -3.47
C ARG A 197 6.38 20.93 -4.84
N GLY A 204 7.69 17.50 -10.22
CA GLY A 204 7.70 16.37 -9.28
C GLY A 204 8.92 16.34 -8.37
N GLN A 205 9.22 17.51 -7.78
CA GLN A 205 10.31 17.68 -6.80
C GLN A 205 9.98 17.08 -5.42
N VAL A 206 10.91 16.28 -4.90
CA VAL A 206 10.75 15.65 -3.60
C VAL A 206 11.91 16.06 -2.70
N VAL A 207 11.60 16.65 -1.57
CA VAL A 207 12.59 17.14 -0.63
C VAL A 207 13.10 15.95 0.20
N THR A 208 12.15 15.15 0.69
CA THR A 208 12.45 13.87 1.35
CA THR A 208 12.48 13.85 1.31
C THR A 208 11.40 12.85 0.93
N GLY A 209 11.82 11.64 0.63
CA GLY A 209 10.87 10.60 0.22
C GLY A 209 11.59 9.25 0.26
N SER A 210 10.82 8.20 -0.02
CA SER A 210 11.34 6.84 -0.01
C SER A 210 11.04 6.21 -1.35
N PHE A 211 12.05 5.53 -1.89
CA PHE A 211 11.94 4.94 -3.22
C PHE A 211 12.43 3.49 -3.21
N LEU A 212 11.66 2.67 -3.90
CA LEU A 212 12.04 1.27 -4.14
C LEU A 212 12.11 1.05 -5.65
N THR A 213 13.17 0.38 -6.10
CA THR A 213 13.33 0.04 -7.49
C THR A 213 13.39 -1.47 -7.68
N VAL A 214 12.64 -1.91 -8.71
CA VAL A 214 12.61 -3.28 -9.13
C VAL A 214 13.41 -3.39 -10.41
N ASN A 215 14.38 -4.30 -10.43
CA ASN A 215 15.08 -4.67 -11.66
C ASN A 215 14.54 -6.04 -12.10
N PHE A 216 13.74 -6.02 -13.16
CA PHE A 216 13.11 -7.21 -13.69
C PHE A 216 14.12 -8.07 -14.46
N ASN A 217 15.22 -7.49 -14.91
CA ASN A 217 16.30 -8.28 -15.61
C ASN A 217 16.93 -9.24 -14.62
N THR A 218 17.24 -8.76 -13.43
CA THR A 218 17.94 -9.56 -12.41
C THR A 218 17.03 -10.12 -11.35
N GLY A 219 15.76 -9.67 -11.33
CA GLY A 219 14.81 -10.09 -10.31
C GLY A 219 15.14 -9.63 -8.91
N LYS A 220 15.55 -8.37 -8.78
CA LYS A 220 15.94 -7.79 -7.51
C LYS A 220 15.14 -6.53 -7.19
N LEU A 221 14.95 -6.25 -5.90
CA LEU A 221 14.38 -5.01 -5.42
C LEU A 221 15.31 -4.34 -4.41
N GLY A 222 15.55 -3.04 -4.61
CA GLY A 222 16.35 -2.25 -3.70
C GLY A 222 15.68 -0.95 -3.29
N GLY A 223 16.20 -0.35 -2.23
CA GLY A 223 15.81 0.98 -1.82
C GLY A 223 15.69 1.10 -0.32
N THR A 224 15.31 2.29 0.16
CA THR A 224 15.29 2.62 1.55
C THR A 224 14.02 3.37 1.92
N ILE A 225 13.39 2.89 2.97
CA ILE A 225 12.28 3.60 3.59
C ILE A 225 12.89 4.52 4.67
N VAL A 226 12.76 5.82 4.44
CA VAL A 226 13.48 6.85 5.24
C VAL A 226 12.77 7.15 6.57
N GLY A 227 13.51 7.00 7.66
CA GLY A 227 13.03 7.23 8.98
C GLY A 227 13.12 8.67 9.46
N ASN A 228 12.67 8.82 10.72
CA ASN A 228 12.65 10.14 11.40
C ASN A 228 12.40 9.85 12.88
N SER A 229 12.28 10.91 13.69
CA SER A 229 12.14 10.74 15.13
C SER A 229 10.91 9.98 15.54
N GLU A 230 9.85 9.96 14.71
CA GLU A 230 8.64 9.22 15.02
C GLU A 230 8.68 7.77 14.49
N PHE A 231 8.99 7.67 13.21
CA PHE A 231 9.06 6.38 12.54
C PHE A 231 10.16 5.48 13.11
N GLY A 232 11.26 6.08 13.53
CA GLY A 232 12.43 5.32 13.95
C GLY A 232 13.40 5.18 12.81
N ASP A 233 14.25 4.18 12.91
CA ASP A 233 15.37 4.00 12.00
C ASP A 233 14.78 3.71 10.59
N SER A 234 15.50 4.18 9.61
CA SER A 234 15.21 3.81 8.22
C SER A 234 15.21 2.29 8.07
N ILE A 235 14.52 1.80 7.03
CA ILE A 235 14.52 0.38 6.68
C ILE A 235 15.19 0.25 5.32
N GLU A 236 16.36 -0.36 5.29
CA GLU A 236 17.10 -0.54 4.07
CA GLU A 236 17.11 -0.55 4.07
C GLU A 236 16.88 -1.94 3.50
N MET A 237 16.44 -2.02 2.24
CA MET A 237 16.31 -3.35 1.59
C MET A 237 17.68 -3.89 1.38
N ARG A 238 17.90 -5.15 1.73
CA ARG A 238 19.20 -5.79 1.63
C ARG A 238 19.33 -6.82 0.51
N ASP A 239 18.53 -7.86 0.52
CA ASP A 239 18.56 -8.83 -0.58
C ASP A 239 17.13 -9.32 -0.76
N VAL A 240 16.50 -8.76 -1.77
CA VAL A 240 15.11 -9.03 -2.05
C VAL A 240 14.95 -9.51 -3.49
N ASN A 241 14.41 -10.74 -3.62
CA ASN A 241 14.21 -11.34 -4.92
C ASN A 241 12.77 -11.21 -5.38
N VAL A 242 12.62 -11.02 -6.69
CA VAL A 242 11.33 -10.76 -7.32
C VAL A 242 11.02 -11.92 -8.26
N ASN A 243 9.84 -12.52 -8.06
CA ASN A 243 9.42 -13.71 -8.84
C ASN A 243 7.99 -13.39 -9.32
N GLY A 244 7.81 -13.10 -10.60
CA GLY A 244 6.49 -12.73 -11.09
C GLY A 244 6.03 -11.41 -10.48
N ASN A 245 4.87 -11.42 -9.84
CA ASN A 245 4.37 -10.19 -9.18
C ASN A 245 4.57 -10.18 -7.66
N GLN A 246 5.50 -11.00 -7.16
CA GLN A 246 5.73 -11.14 -5.73
C GLN A 246 7.22 -10.96 -5.44
N PHE A 247 7.53 -10.55 -4.21
CA PHE A 247 8.92 -10.49 -3.81
C PHE A 247 9.10 -10.82 -2.34
N SER A 248 10.31 -11.25 -1.97
CA SER A 248 10.58 -11.56 -0.59
C SER A 248 12.10 -11.54 -0.38
N GLY A 249 12.48 -11.28 0.85
CA GLY A 249 13.89 -11.31 1.23
C GLY A 249 14.13 -10.57 2.53
N THR A 250 15.30 -9.91 2.63
CA THR A 250 15.73 -9.32 3.87
C THR A 250 15.92 -7.80 3.75
N ALA A 251 15.69 -7.14 4.89
CA ALA A 251 15.97 -5.73 5.07
C ALA A 251 16.56 -5.53 6.44
N SER A 252 17.15 -4.35 6.68
CA SER A 252 17.75 -4.02 7.98
C SER A 252 17.21 -2.74 8.50
N SER A 253 17.19 -2.65 9.82
CA SER A 253 16.83 -1.40 10.46
C SER A 253 17.47 -1.37 11.84
N GLY A 254 18.34 -0.39 12.06
CA GLY A 254 18.99 -0.33 13.39
C GLY A 254 19.72 -1.58 13.86
N GLY A 255 20.30 -2.32 12.94
CA GLY A 255 21.02 -3.53 13.28
C GLY A 255 20.21 -4.79 13.29
N HIS A 256 18.90 -4.67 13.17
CA HIS A 256 17.98 -5.81 13.16
C HIS A 256 17.64 -6.18 11.72
N THR A 257 17.53 -7.47 11.48
CA THR A 257 17.17 -8.01 10.15
C THR A 257 15.68 -8.30 10.16
N GLY A 258 15.01 -7.83 9.12
CA GLY A 258 13.57 -8.14 8.96
C GLY A 258 13.32 -8.88 7.67
N GLN A 259 12.24 -9.67 7.67
CA GLN A 259 11.82 -10.37 6.50
CA GLN A 259 11.81 -10.36 6.48
C GLN A 259 10.82 -9.51 5.69
N VAL A 260 11.16 -9.29 4.43
CA VAL A 260 10.34 -8.50 3.50
C VAL A 260 9.44 -9.49 2.74
N SER A 261 8.15 -9.17 2.66
CA SER A 261 7.20 -9.92 1.86
CA SER A 261 7.17 -9.93 1.89
C SER A 261 6.28 -8.92 1.20
N GLY A 262 6.16 -8.99 -0.12
CA GLY A 262 5.30 -8.06 -0.79
C GLY A 262 5.03 -8.40 -2.23
N GLY A 263 4.42 -7.47 -2.94
CA GLY A 263 4.08 -7.69 -4.32
C GLY A 263 3.77 -6.48 -5.09
N LEU A 264 3.60 -6.69 -6.38
CA LEU A 264 3.18 -5.63 -7.29
C LEU A 264 1.67 -5.70 -7.47
N PHE A 265 1.07 -4.53 -7.49
CA PHE A 265 -0.37 -4.36 -7.57
C PHE A 265 -0.74 -3.51 -8.79
N ALA A 266 -2.04 -3.53 -9.10
CA ALA A 266 -2.71 -2.79 -10.19
C ALA A 266 -2.65 -3.49 -11.53
N LYS A 267 -3.84 -3.62 -12.15
CA LYS A 267 -3.91 -4.13 -13.51
C LYS A 267 -3.26 -3.15 -14.46
N GLU A 268 -2.95 -3.66 -15.66
CA GLU A 268 -2.52 -2.79 -16.75
C GLU A 268 -3.54 -1.74 -17.20
N GLU A 269 -3.09 -0.71 -17.90
CA GLU A 269 -3.95 0.32 -18.44
C GLU A 269 -3.88 0.18 -19.95
N ARG A 270 -5.05 0.27 -20.58
CA ARG A 270 -5.14 0.13 -22.06
C ARG A 270 -5.77 1.33 -22.72
N PHE A 271 -5.36 1.59 -23.94
CA PHE A 271 -6.06 2.50 -24.76
C PHE A 271 -7.42 1.91 -25.15
N TYR A 272 -8.25 2.80 -25.69
CA TYR A 272 -9.61 2.38 -26.03
C TYR A 272 -9.68 1.13 -26.94
N SER A 273 -8.81 1.10 -27.94
CA SER A 273 -8.75 0.01 -28.94
C SER A 273 -8.35 -1.33 -28.34
N GLY A 274 -7.76 -1.30 -27.12
CA GLY A 274 -7.21 -2.53 -26.50
C GLY A 274 -5.69 -2.55 -26.41
N THR A 275 -5.01 -1.65 -27.13
CA THR A 275 -3.56 -1.55 -27.11
C THR A 275 -3.06 -1.21 -25.71
N LEU A 276 -1.97 -1.86 -25.30
CA LEU A 276 -1.39 -1.56 -23.96
C LEU A 276 -0.88 -0.16 -23.85
N GLU A 277 -1.28 0.56 -22.80
CA GLU A 277 -0.76 1.89 -22.55
C GLU A 277 0.35 1.82 -21.47
N HIS A 278 0.00 1.24 -20.34
CA HIS A 278 0.97 1.01 -19.22
C HIS A 278 0.82 -0.40 -18.75
N PRO A 279 1.93 -1.05 -18.40
CA PRO A 279 1.89 -2.40 -17.88
C PRO A 279 1.21 -2.45 -16.51
N SER A 280 0.88 -3.66 -16.09
CA SER A 280 0.48 -3.94 -14.71
C SER A 280 1.62 -3.57 -13.78
N GLY A 281 1.30 -3.52 -12.50
CA GLY A 281 2.32 -3.22 -11.47
C GLY A 281 2.61 -1.78 -11.24
N GLY A 282 1.62 -0.92 -11.50
CA GLY A 282 1.75 0.44 -11.19
C GLY A 282 1.76 0.85 -9.70
N GLU A 283 1.45 -0.11 -8.84
CA GLU A 283 1.53 0.06 -7.41
C GLU A 283 2.32 -1.09 -6.78
N ILE A 284 2.74 -0.89 -5.54
CA ILE A 284 3.61 -1.81 -4.85
C ILE A 284 3.28 -1.76 -3.37
N GLY A 285 3.39 -2.86 -2.69
CA GLY A 285 3.19 -2.88 -1.23
C GLY A 285 3.72 -4.13 -0.58
N GLY A 286 3.82 -4.11 0.74
CA GLY A 286 4.26 -5.26 1.46
C GLY A 286 4.43 -5.01 2.93
N THR A 287 5.11 -5.97 3.57
CA THR A 287 5.39 -5.90 5.00
C THR A 287 6.87 -6.15 5.24
N VAL A 288 7.31 -5.69 6.40
CA VAL A 288 8.66 -5.98 6.88
C VAL A 288 8.54 -6.45 8.31
N ASN A 289 8.98 -7.68 8.59
CA ASN A 289 8.69 -8.36 9.85
C ASN A 289 10.00 -8.72 10.55
N PHE A 290 10.24 -8.05 11.68
CA PHE A 290 11.47 -8.21 12.46
C PHE A 290 11.27 -9.22 13.62
N GLY A 291 10.09 -9.82 13.70
CA GLY A 291 9.74 -10.72 14.80
C GLY A 291 8.32 -10.56 15.22
N SER A 292 7.81 -11.63 15.83
CA SER A 292 6.49 -11.63 16.43
C SER A 292 6.32 -10.47 17.38
N ASN A 293 5.32 -9.63 17.11
CA ASN A 293 5.00 -8.46 17.90
C ASN A 293 6.07 -7.43 18.05
N SER A 294 7.02 -7.43 17.13
CA SER A 294 8.04 -6.40 17.15
C SER A 294 7.49 -5.04 16.82
N PRO A 295 7.83 -4.01 17.58
CA PRO A 295 7.39 -2.67 17.23
C PRO A 295 8.09 -2.10 15.98
N LEU A 296 9.13 -2.77 15.45
CA LEU A 296 9.82 -2.37 14.24
C LEU A 296 9.01 -2.75 13.01
N ASN A 297 8.02 -3.63 13.18
CA ASN A 297 7.33 -4.18 11.98
C ASN A 297 6.59 -3.08 11.25
N ALA A 298 6.59 -3.22 9.93
CA ALA A 298 6.09 -2.13 9.03
C ALA A 298 5.24 -2.71 7.92
N SER A 299 4.30 -1.92 7.46
CA SER A 299 3.75 -2.08 6.11
C SER A 299 4.15 -0.91 5.24
N PHE A 300 4.03 -1.07 3.93
CA PHE A 300 4.37 -0.01 3.01
C PHE A 300 3.54 -0.12 1.74
N GLY A 301 3.39 1.01 1.06
CA GLY A 301 2.72 1.04 -0.23
C GLY A 301 3.13 2.25 -1.01
N GLY A 302 2.95 2.18 -2.32
CA GLY A 302 3.26 3.34 -3.13
C GLY A 302 2.99 3.12 -4.61
N THR A 303 3.41 4.11 -5.38
CA THR A 303 3.05 4.23 -6.78
C THR A 303 4.31 4.23 -7.65
N ARG A 304 4.14 3.77 -8.87
CA ARG A 304 5.21 3.73 -9.87
C ARG A 304 5.46 5.13 -10.41
N ARG A 305 6.64 5.65 -10.16
CA ARG A 305 7.02 6.99 -10.60
CA ARG A 305 7.01 6.99 -10.60
C ARG A 305 7.54 6.95 -12.04
N GLU A 306 8.21 5.86 -12.40
CA GLU A 306 8.90 5.80 -13.69
C GLU A 306 9.12 4.34 -13.99
N TYR A 307 9.08 4.01 -15.28
CA TYR A 307 9.50 2.67 -15.68
C TYR A 307 10.06 2.70 -17.06
N ASN A 308 10.94 1.72 -17.34
CA ASN A 308 11.55 1.57 -18.66
C ASN A 308 11.78 0.09 -18.91
N ALA A 309 10.96 -0.49 -19.76
CA ALA A 309 11.10 -1.89 -20.08
C ALA A 309 12.39 -2.21 -20.83
N ALA A 310 12.98 -1.18 -21.48
CA ALA A 310 14.18 -1.35 -22.27
C ALA A 310 15.49 -1.17 -21.49
N ASP A 311 15.42 -0.86 -20.19
CA ASP A 311 16.62 -0.67 -19.41
C ASP A 311 17.38 -1.97 -19.28
N THR A 312 18.68 -1.94 -19.65
CA THR A 312 19.50 -3.13 -19.58
C THR A 312 20.43 -3.13 -18.35
N SER A 313 20.24 -2.20 -17.42
N SER A 313 20.26 -2.20 -17.41
CA SER A 313 20.96 -2.21 -16.15
CA SER A 313 21.07 -2.22 -16.20
C SER A 313 20.84 -3.53 -15.40
C SER A 313 20.87 -3.50 -15.41
N THR A 314 21.89 -3.86 -14.66
CA THR A 314 21.83 -5.01 -13.75
C THR A 314 21.86 -4.60 -12.28
N ASP A 315 21.60 -3.32 -11.99
CA ASP A 315 21.54 -2.91 -10.60
C ASP A 315 20.15 -2.32 -10.21
N THR A 316 19.97 -2.03 -8.92
CA THR A 316 18.71 -1.45 -8.43
C THR A 316 18.81 0.04 -8.18
N SER A 317 19.76 0.70 -8.84
CA SER A 317 19.77 2.17 -8.80
C SER A 317 18.45 2.72 -9.34
N HIS A 318 18.00 3.81 -8.77
CA HIS A 318 16.74 4.38 -9.11
C HIS A 318 16.74 5.04 -10.50
N LEU A 319 15.59 4.96 -11.16
CA LEU A 319 15.33 5.82 -12.32
C LEU A 319 15.07 7.23 -11.85
N VAL A 320 15.63 8.22 -12.55
CA VAL A 320 15.65 9.61 -12.06
C VAL A 320 15.29 10.65 -13.17
N SER A 321 14.46 10.27 -14.12
CA SER A 321 13.99 11.28 -15.11
C SER A 321 13.26 12.43 -14.45
N PRO A 322 13.34 13.62 -15.04
CA PRO A 322 12.77 14.79 -14.35
C PRO A 322 11.26 14.75 -14.31
#